data_4FTG
#
_entry.id   4FTG
#
_cell.length_a   79.072
_cell.length_b   55.216
_cell.length_c   63.140
_cell.angle_alpha   90.00
_cell.angle_beta   111.73
_cell.angle_gamma   90.00
#
_symmetry.space_group_name_H-M   'C 1 2 1'
#
loop_
_entity.id
_entity.type
_entity.pdbx_description
1 polymer 'Protein S100-A10'
2 polymer 'Annexin A2'
3 polymer 'Neuroblast differentiation-associated protein AHNAK'
4 non-polymer 'ISOPROPYL ALCOHOL'
5 water water
#
loop_
_entity_poly.entity_id
_entity_poly.type
_entity_poly.pdbx_seq_one_letter_code
_entity_poly.pdbx_strand_id
1 'polypeptide(L)'
;PSQMEHAMETMMFTFHKFAGDKGYLTKEDLRVLMEKEFPGFLENQKDPLAVDKIMKDLDQCRDGKVGFQSFFSLIAGLTI
ACNDYFVVHMKQKGKK
;
A,B
2 'polypeptide(L)' (ACE)STVHEILSKLSLEGD(NH2) C,D
3 'polypeptide(L)' (ACE)GKVTFPKMKIPKFTFSGREL(NH2) E
#
loop_
_chem_comp.id
_chem_comp.type
_chem_comp.name
_chem_comp.formula
ACE non-polymer 'ACETYL GROUP' 'C2 H4 O'
IPA non-polymer 'ISOPROPYL ALCOHOL' 'C3 H8 O'
NH2 non-polymer 'AMINO GROUP' 'H2 N'
#
# COMPACT_ATOMS: atom_id res chain seq x y z
N PRO A 1 -2.88 5.82 -17.32
CA PRO A 1 -1.87 5.54 -16.30
C PRO A 1 -1.47 4.07 -16.21
N SER A 2 -0.47 3.80 -15.37
CA SER A 2 0.07 2.45 -15.22
C SER A 2 -0.84 1.59 -14.33
N GLN A 3 -0.53 0.29 -14.26
CA GLN A 3 -1.23 -0.59 -13.36
C GLN A 3 -1.06 -0.10 -11.93
N MET A 4 0.18 0.22 -11.56
CA MET A 4 0.46 0.73 -10.21
C MET A 4 -0.30 2.03 -9.90
N GLU A 5 -0.34 2.95 -10.86
CA GLU A 5 -1.02 4.22 -10.61
C GLU A 5 -2.50 4.01 -10.38
N HIS A 6 -3.07 3.05 -11.12
CA HIS A 6 -4.48 2.71 -10.97
C HIS A 6 -4.77 2.13 -9.61
N ALA A 7 -4.02 1.10 -9.24
CA ALA A 7 -4.10 0.48 -7.93
C ALA A 7 -3.95 1.52 -6.82
N MET A 8 -2.93 2.38 -6.90
CA MET A 8 -2.74 3.45 -5.90
C MET A 8 -3.95 4.36 -5.76
N GLU A 9 -4.47 4.80 -6.89
CA GLU A 9 -5.65 5.66 -6.86
C GLU A 9 -6.83 5.00 -6.18
N THR A 10 -7.05 3.70 -6.44
CA THR A 10 -8.23 3.05 -5.86
C THR A 10 -8.05 2.98 -4.36
N MET A 11 -6.81 2.81 -3.93
CA MET A 11 -6.51 2.87 -2.50
C MET A 11 -6.76 4.26 -1.93
N MET A 12 -6.34 5.29 -2.65
CA MET A 12 -6.63 6.65 -2.23
C MET A 12 -8.12 6.89 -2.15
N PHE A 13 -8.81 6.55 -3.22
CA PHE A 13 -10.24 6.85 -3.30
C PHE A 13 -11.11 6.06 -2.34
N THR A 14 -10.69 4.82 -2.07
CA THR A 14 -11.40 3.95 -1.14
C THR A 14 -11.40 4.57 0.25
N PHE A 15 -10.23 5.07 0.65
CA PHE A 15 -10.13 5.80 1.92
C PHE A 15 -11.17 6.87 1.99
N HIS A 16 -11.20 7.71 0.96
CA HIS A 16 -12.00 8.93 1.01
C HIS A 16 -13.49 8.64 0.91
N LYS A 17 -13.83 7.58 0.18
CA LYS A 17 -15.18 7.10 0.06
C LYS A 17 -15.76 6.72 1.43
N PHE A 18 -14.94 6.08 2.26
CA PHE A 18 -15.41 5.72 3.59
C PHE A 18 -15.06 6.73 4.68
N ALA A 19 -14.07 7.58 4.43
CA ALA A 19 -13.73 8.61 5.42
C ALA A 19 -14.66 9.82 5.31
N GLY A 20 -15.32 9.94 4.17
CA GLY A 20 -16.14 11.10 3.88
C GLY A 20 -15.42 12.43 3.97
N ASP A 21 -16.19 13.49 4.15
CA ASP A 21 -15.60 14.83 4.19
C ASP A 21 -14.70 15.09 5.41
N LYS A 22 -15.04 14.49 6.56
CA LYS A 22 -14.21 14.65 7.75
C LYS A 22 -12.77 14.18 7.53
N GLY A 23 -12.55 13.37 6.50
CA GLY A 23 -11.21 12.97 6.11
C GLY A 23 -10.50 11.93 6.97
N TYR A 24 -11.23 11.24 7.84
CA TYR A 24 -10.65 10.15 8.61
C TYR A 24 -11.65 9.03 8.84
N LEU A 25 -11.19 7.92 9.42
CA LEU A 25 -12.08 6.81 9.70
C LEU A 25 -12.34 6.67 11.20
N THR A 26 -13.61 6.47 11.55
CA THR A 26 -14.01 6.02 12.87
C THR A 26 -14.02 4.51 12.82
N LYS A 27 -14.16 3.86 13.96
CA LYS A 27 -14.19 2.41 13.98
C LYS A 27 -15.39 1.93 13.17
N GLU A 28 -16.43 2.78 13.11
CA GLU A 28 -17.61 2.46 12.33
C GLU A 28 -17.29 2.45 10.84
N ASP A 29 -16.58 3.47 10.39
CA ASP A 29 -16.15 3.56 9.00
C ASP A 29 -15.26 2.38 8.62
N LEU A 30 -14.35 2.05 9.52
CA LEU A 30 -13.38 1.01 9.28
C LEU A 30 -14.11 -0.31 9.12
N ARG A 31 -15.08 -0.52 9.99
CA ARG A 31 -15.84 -1.75 10.01
C ARG A 31 -16.63 -1.87 8.73
N VAL A 32 -17.33 -0.80 8.35
CA VAL A 32 -18.05 -0.79 7.08
C VAL A 32 -17.09 -1.05 5.92
N LEU A 33 -15.97 -0.32 5.89
CA LEU A 33 -14.98 -0.47 4.83
C LEU A 33 -14.50 -1.92 4.64
N MET A 34 -14.26 -2.64 5.72
CA MET A 34 -13.75 -3.99 5.57
C MET A 34 -14.87 -4.97 5.25
N GLU A 35 -16.06 -4.68 5.75
CA GLU A 35 -17.24 -5.43 5.37
C GLU A 35 -17.43 -5.40 3.85
N LYS A 36 -17.36 -4.22 3.24
CA LYS A 36 -17.50 -4.11 1.80
C LYS A 36 -16.25 -4.54 1.02
N GLU A 37 -15.06 -4.30 1.58
CA GLU A 37 -13.86 -4.52 0.81
C GLU A 37 -13.16 -5.86 1.08
N PHE A 38 -13.32 -6.38 2.29
CA PHE A 38 -12.73 -7.69 2.57
C PHE A 38 -13.67 -8.60 3.35
N PRO A 39 -14.85 -8.88 2.80
CA PRO A 39 -15.86 -9.62 3.57
C PRO A 39 -15.39 -11.04 3.86
N GLY A 40 -14.74 -11.67 2.89
CA GLY A 40 -14.24 -13.02 3.09
C GLY A 40 -13.19 -13.09 4.19
N PHE A 41 -12.58 -11.95 4.48
CA PHE A 41 -11.56 -11.91 5.52
C PHE A 41 -12.22 -11.87 6.92
N LEU A 42 -13.23 -11.03 7.09
CA LEU A 42 -14.00 -10.96 8.31
C LEU A 42 -14.75 -12.26 8.57
N GLU A 43 -15.39 -12.78 7.53
CA GLU A 43 -16.16 -14.02 7.63
C GLU A 43 -15.31 -15.22 8.04
N ASN A 44 -13.99 -15.05 8.13
CA ASN A 44 -13.11 -16.13 8.55
C ASN A 44 -12.46 -15.91 9.91
N GLN A 45 -12.60 -14.70 10.47
CA GLN A 45 -12.18 -14.46 11.85
C GLN A 45 -13.24 -15.03 12.79
N LYS A 46 -12.83 -15.98 13.65
CA LYS A 46 -13.77 -16.56 14.60
C LYS A 46 -14.12 -15.48 15.61
N ASP A 47 -13.14 -14.65 15.92
CA ASP A 47 -13.30 -13.49 16.81
C ASP A 47 -14.37 -12.51 16.30
N PRO A 48 -15.31 -12.12 17.16
CA PRO A 48 -16.33 -11.12 16.82
C PRO A 48 -15.88 -9.68 17.11
N LEU A 49 -14.80 -9.56 17.88
CA LEU A 49 -14.28 -8.25 18.19
C LEU A 49 -13.08 -7.93 17.29
N ALA A 50 -12.90 -8.72 16.24
CA ALA A 50 -11.72 -8.57 15.38
C ALA A 50 -11.55 -7.17 14.78
N VAL A 51 -12.66 -6.55 14.37
CA VAL A 51 -12.57 -5.18 13.86
C VAL A 51 -12.09 -4.26 14.97
N ASP A 52 -12.65 -4.45 16.16
CA ASP A 52 -12.30 -3.66 17.33
C ASP A 52 -10.83 -3.77 17.64
N LYS A 53 -10.31 -4.97 17.45
CA LYS A 53 -8.91 -5.25 17.74
C LYS A 53 -7.97 -4.66 16.69
N ILE A 54 -8.46 -4.56 15.46
CA ILE A 54 -7.68 -3.94 14.39
C ILE A 54 -7.67 -2.43 14.63
N MET A 55 -8.82 -1.89 14.98
CA MET A 55 -8.93 -0.49 15.36
C MET A 55 -7.94 -0.13 16.47
N LYS A 56 -7.81 -1.01 17.47
CA LYS A 56 -6.91 -0.72 18.58
C LYS A 56 -5.46 -0.65 18.12
N ASP A 57 -5.07 -1.58 17.25
CA ASP A 57 -3.73 -1.57 16.62
C ASP A 57 -3.48 -0.34 15.74
N LEU A 58 -4.51 0.08 15.01
CA LEU A 58 -4.39 1.25 14.14
C LEU A 58 -4.38 2.59 14.88
N ASP A 59 -5.15 2.68 15.95
CA ASP A 59 -5.39 3.97 16.60
C ASP A 59 -4.25 4.35 17.56
N GLN A 60 -3.11 4.70 16.98
CA GLN A 60 -1.91 5.01 17.75
C GLN A 60 -2.08 6.22 18.67
N CYS A 61 -2.84 7.22 18.23
CA CYS A 61 -3.00 8.41 19.03
C CYS A 61 -4.16 8.27 20.01
N ARG A 62 -4.85 7.14 19.95
CA ARG A 62 -6.01 6.87 20.80
C ARG A 62 -7.04 7.99 20.76
N ASP A 63 -7.31 8.52 19.57
CA ASP A 63 -8.32 9.57 19.43
C ASP A 63 -9.52 9.11 18.60
N GLY A 64 -9.57 7.80 18.33
CA GLY A 64 -10.69 7.20 17.63
C GLY A 64 -10.69 7.47 16.14
N LYS A 65 -9.68 8.21 15.69
CA LYS A 65 -9.59 8.60 14.29
C LYS A 65 -8.48 7.80 13.63
N VAL A 66 -8.74 7.36 12.40
CA VAL A 66 -7.72 6.63 11.65
C VAL A 66 -7.50 7.33 10.31
N GLY A 67 -6.29 7.83 10.11
CA GLY A 67 -5.99 8.58 8.93
C GLY A 67 -5.39 7.69 7.85
N PHE A 68 -5.02 8.33 6.75
CA PHE A 68 -4.67 7.64 5.55
C PHE A 68 -3.44 6.77 5.76
N GLN A 69 -2.45 7.32 6.43
CA GLN A 69 -1.23 6.58 6.74
C GLN A 69 -1.54 5.33 7.57
N SER A 70 -2.35 5.47 8.62
CA SER A 70 -2.81 4.28 9.34
C SER A 70 -3.56 3.31 8.42
N PHE A 71 -4.44 3.85 7.59
CA PHE A 71 -5.19 3.03 6.66
C PHE A 71 -4.22 2.18 5.82
N PHE A 72 -3.22 2.85 5.28
CA PHE A 72 -2.23 2.19 4.45
C PHE A 72 -1.43 1.13 5.23
N SER A 73 -1.25 1.37 6.52
CA SER A 73 -0.61 0.38 7.39
C SER A 73 -1.46 -0.89 7.46
N LEU A 74 -2.78 -0.72 7.54
CA LEU A 74 -3.71 -1.86 7.46
C LEU A 74 -3.55 -2.64 6.17
N ILE A 75 -3.67 -1.94 5.05
CA ILE A 75 -3.56 -2.58 3.75
C ILE A 75 -2.21 -3.27 3.62
N ALA A 76 -1.18 -2.62 4.15
CA ALA A 76 0.16 -3.18 4.21
C ALA A 76 0.13 -4.54 4.88
N GLY A 77 -0.30 -4.56 6.13
CA GLY A 77 -0.40 -5.77 6.89
C GLY A 77 -1.15 -6.85 6.13
N LEU A 78 -2.28 -6.48 5.56
CA LEU A 78 -3.01 -7.46 4.76
C LEU A 78 -2.26 -7.92 3.50
N THR A 79 -1.63 -6.98 2.79
CA THR A 79 -1.05 -7.34 1.48
C THR A 79 0.22 -8.13 1.66
N ILE A 80 0.95 -7.84 2.73
CA ILE A 80 2.17 -8.53 3.03
C ILE A 80 1.90 -9.97 3.48
N ALA A 81 0.83 -10.17 4.26
CA ALA A 81 0.43 -11.52 4.65
C ALA A 81 -0.02 -12.33 3.44
N CYS A 82 -0.79 -11.73 2.55
CA CYS A 82 -1.16 -12.39 1.30
C CYS A 82 0.04 -12.82 0.49
N ASN A 83 1.00 -11.92 0.38
CA ASN A 83 2.18 -12.20 -0.42
C ASN A 83 3.00 -13.30 0.21
N ASP A 84 3.09 -13.29 1.53
CA ASP A 84 3.77 -14.36 2.26
C ASP A 84 3.15 -15.73 1.97
N TYR A 85 1.83 -15.82 2.13
CA TYR A 85 1.10 -17.03 1.78
C TYR A 85 1.29 -17.35 0.29
N PHE A 86 1.24 -16.33 -0.54
CA PHE A 86 1.42 -16.51 -1.99
C PHE A 86 2.72 -17.22 -2.33
N VAL A 87 3.83 -16.67 -1.85
CA VAL A 87 5.13 -17.28 -2.05
C VAL A 87 5.15 -18.73 -1.55
N VAL A 88 4.76 -18.96 -0.30
CA VAL A 88 4.83 -20.29 0.27
C VAL A 88 4.02 -21.35 -0.51
N HIS A 89 2.75 -21.07 -0.80
CA HIS A 89 1.84 -22.09 -1.36
C HIS A 89 1.51 -21.94 -2.84
N MET A 90 1.79 -20.78 -3.43
CA MET A 90 1.24 -20.50 -4.75
C MET A 90 2.22 -20.18 -5.87
N LYS A 91 3.35 -19.55 -5.57
CA LYS A 91 4.31 -19.17 -6.61
C LYS A 91 5.20 -20.36 -6.98
N PRO B 1 -14.32 -10.12 -6.83
CA PRO B 1 -13.37 -9.45 -5.95
C PRO B 1 -13.60 -7.95 -5.89
N SER B 2 -13.43 -7.37 -4.71
CA SER B 2 -13.62 -5.93 -4.50
C SER B 2 -12.52 -5.19 -5.21
N GLN B 3 -12.68 -3.87 -5.29
CA GLN B 3 -11.68 -3.03 -5.90
C GLN B 3 -10.34 -3.08 -5.17
N MET B 4 -10.40 -3.00 -3.84
CA MET B 4 -9.20 -3.08 -3.00
C MET B 4 -8.47 -4.39 -3.22
N GLU B 5 -9.23 -5.48 -3.31
CA GLU B 5 -8.60 -6.78 -3.57
C GLU B 5 -7.81 -6.77 -4.89
N HIS B 6 -8.39 -6.12 -5.90
CA HIS B 6 -7.76 -6.01 -7.22
C HIS B 6 -6.50 -5.16 -7.11
N ALA B 7 -6.62 -4.06 -6.39
CA ALA B 7 -5.49 -3.18 -6.13
C ALA B 7 -4.36 -3.95 -5.45
N MET B 8 -4.72 -4.73 -4.44
CA MET B 8 -3.70 -5.43 -3.68
C MET B 8 -3.04 -6.45 -4.56
N GLU B 9 -3.84 -7.21 -5.29
CA GLU B 9 -3.31 -8.21 -6.23
C GLU B 9 -2.38 -7.59 -7.27
N THR B 10 -2.74 -6.41 -7.76
CA THR B 10 -1.92 -5.67 -8.71
C THR B 10 -0.53 -5.31 -8.18
N MET B 11 -0.49 -4.74 -6.98
CA MET B 11 0.79 -4.46 -6.33
C MET B 11 1.62 -5.71 -6.16
N MET B 12 0.96 -6.78 -5.72
CA MET B 12 1.61 -8.06 -5.48
C MET B 12 2.14 -8.59 -6.79
N PHE B 13 1.33 -8.52 -7.84
CA PHE B 13 1.76 -9.04 -9.15
C PHE B 13 2.84 -8.17 -9.80
N THR B 14 2.74 -6.84 -9.64
CA THR B 14 3.78 -5.96 -10.12
C THR B 14 5.13 -6.27 -9.46
N PHE B 15 5.15 -6.53 -8.14
CA PHE B 15 6.42 -6.85 -7.49
C PHE B 15 7.06 -8.06 -8.14
N HIS B 16 6.28 -9.14 -8.23
CA HIS B 16 6.83 -10.36 -8.77
C HIS B 16 7.21 -10.24 -10.24
N LYS B 17 6.52 -9.37 -10.98
CA LYS B 17 6.82 -9.20 -12.40
C LYS B 17 8.25 -8.67 -12.60
N PHE B 18 8.68 -7.75 -11.76
CA PHE B 18 9.99 -7.11 -11.93
C PHE B 18 11.10 -7.69 -11.07
N ALA B 19 10.73 -8.52 -10.10
CA ALA B 19 11.68 -9.13 -9.19
C ALA B 19 12.10 -10.53 -9.66
N GLY B 20 11.19 -11.19 -10.39
CA GLY B 20 11.43 -12.53 -10.90
C GLY B 20 11.43 -13.61 -9.83
N ASP B 21 11.86 -14.80 -10.21
CA ASP B 21 11.94 -15.92 -9.27
C ASP B 21 12.90 -15.65 -8.12
N LYS B 22 13.89 -14.78 -8.33
CA LYS B 22 14.78 -14.39 -7.25
C LYS B 22 14.01 -13.84 -6.02
N GLY B 23 12.77 -13.39 -6.25
CA GLY B 23 11.89 -13.02 -5.15
C GLY B 23 12.26 -11.72 -4.47
N TYR B 24 13.03 -10.90 -5.18
CA TYR B 24 13.41 -9.59 -4.69
C TYR B 24 13.89 -8.67 -5.85
N LEU B 25 14.09 -7.40 -5.53
CA LEU B 25 14.45 -6.42 -6.53
C LEU B 25 15.85 -5.93 -6.25
N THR B 26 16.63 -5.75 -7.31
CA THR B 26 17.89 -5.01 -7.20
C THR B 26 17.62 -3.59 -7.62
N LYS B 27 18.65 -2.75 -7.54
CA LYS B 27 18.51 -1.37 -7.97
C LYS B 27 17.92 -1.35 -9.37
N GLU B 28 18.48 -2.18 -10.24
CA GLU B 28 18.12 -2.20 -11.65
C GLU B 28 16.67 -2.64 -11.86
N ASP B 29 16.23 -3.67 -11.14
CA ASP B 29 14.84 -4.09 -11.17
C ASP B 29 13.99 -2.90 -10.78
N LEU B 30 14.32 -2.32 -9.62
CA LEU B 30 13.63 -1.12 -9.13
C LEU B 30 13.59 -0.04 -10.20
N ARG B 31 14.73 0.25 -10.82
CA ARG B 31 14.80 1.30 -11.85
C ARG B 31 13.91 1.04 -13.06
N VAL B 32 13.93 -0.20 -13.56
CA VAL B 32 13.03 -0.57 -14.64
C VAL B 32 11.60 -0.42 -14.18
N LEU B 33 11.31 -0.95 -13.00
CA LEU B 33 9.97 -0.98 -12.47
C LEU B 33 9.44 0.46 -12.39
N MET B 34 10.26 1.38 -11.88
CA MET B 34 9.82 2.77 -11.75
C MET B 34 9.59 3.36 -13.14
N GLU B 35 10.43 2.97 -14.10
CA GLU B 35 10.34 3.48 -15.46
C GLU B 35 9.06 3.04 -16.15
N LYS B 36 8.70 1.78 -15.98
CA LYS B 36 7.46 1.27 -16.57
C LYS B 36 6.20 1.76 -15.86
N GLU B 37 6.24 1.88 -14.53
CA GLU B 37 5.05 2.25 -13.77
C GLU B 37 4.92 3.74 -13.39
N PHE B 38 6.05 4.42 -13.15
CA PHE B 38 5.95 5.82 -12.73
C PHE B 38 6.82 6.81 -13.53
N PRO B 39 6.66 6.85 -14.86
CA PRO B 39 7.58 7.61 -15.74
C PRO B 39 7.56 9.14 -15.53
N GLY B 40 6.36 9.69 -15.36
CA GLY B 40 6.20 11.10 -15.09
C GLY B 40 6.80 11.47 -13.76
N PHE B 41 6.72 10.57 -12.78
CA PHE B 41 7.34 10.85 -11.51
C PHE B 41 8.84 11.02 -11.67
N LEU B 42 9.48 10.11 -12.40
CA LEU B 42 10.94 10.18 -12.61
C LEU B 42 11.37 11.44 -13.41
N GLU B 43 10.68 11.71 -14.50
CA GLU B 43 11.01 12.84 -15.36
C GLU B 43 10.87 14.22 -14.67
N ASN B 44 9.97 14.31 -13.69
CA ASN B 44 9.76 15.54 -12.90
C ASN B 44 10.86 15.78 -11.87
N GLN B 45 11.58 14.72 -11.51
CA GLN B 45 12.83 14.86 -10.79
C GLN B 45 13.88 15.04 -11.87
N LYS B 46 14.47 16.21 -11.97
CA LYS B 46 15.61 16.36 -12.85
C LYS B 46 16.85 15.87 -12.11
N ASP B 47 16.92 14.56 -11.95
CA ASP B 47 18.07 13.89 -11.34
C ASP B 47 18.21 12.48 -11.89
N PRO B 48 19.27 12.23 -12.66
CA PRO B 48 19.58 10.89 -13.19
C PRO B 48 19.90 9.88 -12.08
N LEU B 49 19.64 10.23 -10.83
CA LEU B 49 20.03 9.41 -9.69
C LEU B 49 18.91 9.31 -8.66
N ALA B 50 17.68 9.50 -9.10
CA ALA B 50 16.52 9.41 -8.22
C ALA B 50 16.36 7.97 -7.69
N VAL B 51 16.61 7.00 -8.58
CA VAL B 51 16.45 5.59 -8.26
C VAL B 51 17.50 5.22 -7.22
N ASP B 52 18.60 5.96 -7.26
CA ASP B 52 19.67 5.79 -6.30
C ASP B 52 19.33 6.40 -4.95
N LYS B 53 18.77 7.60 -4.94
CA LYS B 53 18.24 8.20 -3.71
C LYS B 53 17.22 7.25 -3.09
N ILE B 54 16.27 6.80 -3.91
CA ILE B 54 15.25 5.89 -3.42
C ILE B 54 15.83 4.55 -2.96
N MET B 55 16.70 3.92 -3.77
CA MET B 55 17.29 2.65 -3.39
C MET B 55 17.95 2.75 -2.04
N LYS B 56 18.54 3.92 -1.79
CA LYS B 56 19.37 4.10 -0.61
C LYS B 56 18.63 3.82 0.69
N ASP B 57 17.42 4.38 0.85
CA ASP B 57 16.74 4.24 2.13
C ASP B 57 15.73 3.12 2.14
N LEU B 58 15.62 2.39 1.05
CA LEU B 58 14.91 1.13 1.07
C LEU B 58 15.89 0.10 1.58
N ASP B 59 17.14 0.23 1.15
CA ASP B 59 18.17 -0.70 1.55
C ASP B 59 18.77 -0.32 2.89
N GLN B 60 18.00 -0.49 3.97
CA GLN B 60 18.47 -0.16 5.31
C GLN B 60 19.67 -1.03 5.64
N CYS B 61 19.50 -2.34 5.54
CA CYS B 61 20.62 -3.25 5.44
C CYS B 61 21.19 -2.97 4.07
N ARG B 62 22.50 -2.99 3.89
CA ARG B 62 23.03 -2.68 2.57
C ARG B 62 23.34 -3.98 1.84
N ASP B 63 22.30 -4.72 1.47
CA ASP B 63 22.49 -5.97 0.72
C ASP B 63 22.04 -5.89 -0.74
N GLY B 64 21.72 -4.69 -1.23
CA GLY B 64 21.28 -4.48 -2.60
C GLY B 64 19.94 -5.11 -2.97
N LYS B 65 19.31 -5.77 -2.01
CA LYS B 65 18.06 -6.50 -2.23
C LYS B 65 16.88 -5.71 -1.68
N VAL B 66 15.82 -5.57 -2.47
CA VAL B 66 14.59 -5.01 -1.93
C VAL B 66 13.47 -6.03 -2.02
N GLY B 67 12.95 -6.45 -0.87
CA GLY B 67 11.88 -7.42 -0.78
C GLY B 67 10.52 -6.77 -0.88
N PHE B 68 9.47 -7.59 -0.80
CA PHE B 68 8.12 -7.11 -1.02
C PHE B 68 7.72 -6.05 -0.02
N GLN B 69 8.06 -6.28 1.24
CA GLN B 69 7.62 -5.37 2.27
C GLN B 69 8.24 -3.98 2.07
N SER B 70 9.54 -3.97 1.82
CA SER B 70 10.22 -2.74 1.49
C SER B 70 9.61 -2.09 0.23
N PHE B 71 9.37 -2.91 -0.79
CA PHE B 71 8.65 -2.44 -1.99
C PHE B 71 7.35 -1.73 -1.60
N PHE B 72 6.63 -2.31 -0.64
CA PHE B 72 5.35 -1.75 -0.21
C PHE B 72 5.53 -0.42 0.51
N SER B 73 6.66 -0.25 1.17
CA SER B 73 6.93 1.03 1.82
C SER B 73 7.24 2.14 0.79
N LEU B 74 7.73 1.77 -0.38
CA LEU B 74 7.90 2.73 -1.46
C LEU B 74 6.54 3.21 -2.00
N ILE B 75 5.68 2.25 -2.31
CA ILE B 75 4.36 2.56 -2.79
C ILE B 75 3.58 3.35 -1.74
N ALA B 76 3.75 2.95 -0.48
CA ALA B 76 3.11 3.66 0.62
C ALA B 76 3.53 5.13 0.64
N GLY B 77 4.82 5.40 0.57
CA GLY B 77 5.32 6.77 0.62
C GLY B 77 4.76 7.65 -0.49
N LEU B 78 4.81 7.15 -1.73
CA LEU B 78 4.21 7.87 -2.85
C LEU B 78 2.72 8.13 -2.68
N THR B 79 1.97 7.08 -2.35
CA THR B 79 0.53 7.22 -2.27
C THR B 79 0.17 8.18 -1.16
N ILE B 80 0.96 8.17 -0.09
CA ILE B 80 0.70 9.08 1.01
C ILE B 80 0.93 10.53 0.59
N ALA B 81 2.05 10.79 -0.09
CA ALA B 81 2.33 12.12 -0.60
C ALA B 81 1.27 12.59 -1.62
N CYS B 82 0.78 11.68 -2.45
CA CYS B 82 -0.29 12.01 -3.37
C CYS B 82 -1.56 12.40 -2.63
N ASN B 83 -1.87 11.66 -1.58
CA ASN B 83 -3.06 11.94 -0.81
C ASN B 83 -2.95 13.32 -0.13
N ASP B 84 -1.80 13.61 0.46
CA ASP B 84 -1.60 14.90 1.10
C ASP B 84 -1.82 16.01 0.08
N TYR B 85 -1.14 15.91 -1.06
CA TYR B 85 -1.36 16.82 -2.17
C TYR B 85 -2.85 16.98 -2.44
N PHE B 86 -3.50 15.85 -2.69
CA PHE B 86 -4.93 15.78 -3.00
C PHE B 86 -5.81 16.50 -1.99
N VAL B 87 -5.49 16.38 -0.70
CA VAL B 87 -6.31 16.97 0.35
C VAL B 87 -6.16 18.48 0.38
N VAL B 88 -4.91 18.93 0.24
CA VAL B 88 -4.58 20.35 0.26
C VAL B 88 -5.19 21.08 -0.94
N HIS B 89 -5.31 20.37 -2.07
CA HIS B 89 -5.74 21.00 -3.31
C HIS B 89 -7.05 20.41 -3.86
N MET B 90 -6.93 19.28 -4.56
CA MET B 90 -7.96 18.79 -5.49
C MET B 90 -9.41 18.63 -5.00
N LYS B 91 -9.67 18.89 -3.72
CA LYS B 91 -11.06 18.97 -3.25
C LYS B 91 -11.33 20.23 -2.43
C ACE C 1 -4.84 7.81 -12.35
O ACE C 1 -3.69 8.24 -12.17
CH3 ACE C 1 -5.27 6.46 -11.87
N SER C 2 -5.93 8.25 -12.99
CA SER C 2 -5.56 9.47 -13.69
C SER C 2 -5.28 10.67 -12.76
N THR C 3 -5.95 10.74 -11.61
CA THR C 3 -5.63 11.80 -10.65
C THR C 3 -4.31 11.53 -9.90
N VAL C 4 -4.05 10.27 -9.54
CA VAL C 4 -2.75 9.87 -8.98
C VAL C 4 -1.58 10.19 -9.91
N HIS C 5 -1.77 9.92 -11.20
CA HIS C 5 -0.76 10.20 -12.22
C HIS C 5 -0.46 11.69 -12.31
N GLU C 6 -1.50 12.51 -12.21
CA GLU C 6 -1.34 13.97 -12.22
C GLU C 6 -0.45 14.43 -11.05
N ILE C 7 -0.84 14.02 -9.83
CA ILE C 7 -0.14 14.38 -8.60
C ILE C 7 1.31 13.89 -8.58
N LEU C 8 1.54 12.68 -9.08
CA LEU C 8 2.90 12.13 -9.11
C LEU C 8 3.88 13.01 -9.88
N SER C 9 3.38 13.77 -10.86
CA SER C 9 4.25 14.63 -11.67
C SER C 9 4.50 16.02 -11.06
N LYS C 10 3.84 16.29 -9.93
CA LYS C 10 4.02 17.54 -9.21
C LYS C 10 4.54 17.16 -7.85
N LEU C 11 5.61 16.39 -7.79
CA LEU C 11 6.02 15.77 -6.54
C LEU C 11 7.48 15.40 -6.61
N SER C 12 8.20 15.54 -5.49
CA SER C 12 9.66 15.31 -5.49
C SER C 12 10.22 14.66 -4.23
N LEU C 13 11.39 14.06 -4.36
CA LEU C 13 12.08 13.42 -3.24
C LEU C 13 12.40 14.41 -2.13
C ACE D 1 -8.71 -10.98 -6.99
O ACE D 1 -8.94 -11.28 -5.82
CH3 ACE D 1 -8.25 -9.61 -7.40
N SER D 2 -8.42 -12.02 -7.80
CA SER D 2 -9.21 -13.12 -7.28
C SER D 2 -8.34 -14.10 -6.53
N THR D 3 -7.02 -14.01 -6.71
CA THR D 3 -6.14 -14.83 -5.90
C THR D 3 -5.97 -14.16 -4.52
N VAL D 4 -5.85 -12.84 -4.48
CA VAL D 4 -5.88 -12.13 -3.20
C VAL D 4 -7.16 -12.46 -2.43
N HIS D 5 -8.29 -12.43 -3.11
CA HIS D 5 -9.57 -12.71 -2.49
C HIS D 5 -9.59 -14.09 -1.83
N GLU D 6 -8.99 -15.06 -2.52
CA GLU D 6 -8.93 -16.40 -2.00
C GLU D 6 -8.00 -16.45 -0.79
N ILE D 7 -6.85 -15.80 -0.89
CA ILE D 7 -5.84 -15.86 0.17
C ILE D 7 -6.35 -15.19 1.45
N LEU D 8 -7.05 -14.06 1.29
CA LEU D 8 -7.60 -13.33 2.43
C LEU D 8 -8.46 -14.23 3.31
N SER D 9 -9.25 -15.10 2.70
CA SER D 9 -10.18 -15.92 3.46
C SER D 9 -9.47 -17.04 4.21
N LYS D 10 -8.17 -17.14 4.01
CA LYS D 10 -7.39 -18.14 4.72
C LYS D 10 -6.50 -17.48 5.79
N LEU D 11 -6.61 -16.17 5.96
CA LEU D 11 -5.79 -15.50 6.96
C LEU D 11 -6.51 -15.18 8.28
N SER D 12 -5.72 -14.83 9.30
CA SER D 12 -6.29 -14.52 10.60
C SER D 12 -5.42 -13.50 11.32
N LEU D 13 -5.89 -12.99 12.44
CA LEU D 13 -5.19 -11.93 13.15
C LEU D 13 -4.25 -12.45 14.24
N GLU D 14 -3.44 -11.52 14.76
CA GLU D 14 -2.46 -11.69 15.86
C GLU D 14 -1.05 -12.07 15.39
N GLY E 2 0.35 -17.69 8.34
CA GLY E 2 -0.99 -17.27 7.98
C GLY E 2 -1.50 -16.21 8.93
N LYS E 3 -0.56 -15.45 9.51
CA LYS E 3 -0.88 -14.47 10.56
C LYS E 3 -0.69 -13.03 10.07
N VAL E 4 -1.65 -12.17 10.41
CA VAL E 4 -1.66 -10.78 9.96
C VAL E 4 -1.35 -9.80 11.10
N THR E 5 -0.25 -9.10 10.94
CA THR E 5 0.20 -8.08 11.89
C THR E 5 0.11 -6.70 11.21
N PHE E 6 -0.06 -5.65 11.98
CA PHE E 6 -0.13 -4.35 11.33
C PHE E 6 1.11 -3.52 11.49
N PRO E 7 1.88 -3.44 10.39
CA PRO E 7 3.22 -2.86 10.35
C PRO E 7 3.14 -1.39 10.70
N LYS E 8 4.06 -0.95 11.54
CA LYS E 8 4.20 0.47 11.77
C LYS E 8 5.45 0.89 11.00
N MET E 9 5.26 1.37 9.78
CA MET E 9 6.36 1.70 8.88
C MET E 9 6.96 3.07 9.25
N LYS E 10 8.24 3.38 8.95
CA LYS E 10 9.13 2.82 7.92
C LYS E 10 8.70 3.26 6.51
N ILE E 11 8.34 4.54 6.39
CA ILE E 11 7.85 5.08 5.13
C ILE E 11 8.79 6.16 4.58
N PRO E 12 9.31 5.95 3.35
CA PRO E 12 10.06 7.00 2.63
C PRO E 12 9.17 8.22 2.34
N LYS E 13 9.66 9.43 2.58
CA LYS E 13 8.83 10.60 2.34
C LYS E 13 9.19 11.45 1.12
N PHE E 14 8.14 12.01 0.51
CA PHE E 14 8.25 12.80 -0.71
C PHE E 14 7.51 14.09 -0.44
N THR E 15 7.78 15.13 -1.21
CA THR E 15 7.27 16.45 -0.85
C THR E 15 6.61 17.30 -1.95
N PHE E 16 5.95 18.35 -1.50
CA PHE E 16 5.29 19.34 -2.34
C PHE E 16 4.36 18.73 -3.38
N SER E 17 3.16 18.30 -3.00
CA SER E 17 2.71 18.31 -1.60
C SER E 17 2.18 16.93 -1.20
C1 IPA F . -7.24 6.72 -18.93
C2 IPA F . -6.57 5.38 -18.63
C3 IPA F . -7.40 4.66 -17.60
O2 IPA F . -6.49 4.58 -19.78
C1 IPA G . -6.00 -6.70 -10.57
C2 IPA G . -6.22 -7.75 -11.62
C3 IPA G . -5.50 -9.05 -11.24
O2 IPA G . -7.61 -7.94 -11.67
C1 IPA H . 2.91 -7.96 8.19
C2 IPA H . 2.00 -9.13 7.84
C3 IPA H . 2.56 -10.49 8.27
O2 IPA H . 0.74 -8.88 8.45
#